data_5JDU
#
_entry.id   5JDU
#
_cell.length_a   55.429
_cell.length_b   81.333
_cell.length_c   146.366
_cell.angle_alpha   90.00
_cell.angle_beta   90.00
_cell.angle_gamma   90.00
#
_symmetry.space_group_name_H-M   'P 21 21 21'
#
loop_
_entity.id
_entity.type
_entity.pdbx_description
1 polymer 'Thrombin light chain'
2 polymer 'Thrombin heavy chain'
3 branched 2-acetamido-2-deoxy-beta-D-glucopyranose-(1-6)-2-acetamido-2-deoxy-beta-D-glucopyranose
4 non-polymer 'CHLORIDE ION'
5 non-polymer GLYCEROL
6 water water
#
loop_
_entity_poly.entity_id
_entity_poly.type
_entity_poly.pdbx_seq_one_letter_code
_entity_poly.pdbx_strand_id
1 'polypeptide(L)' SGEADCGLRPLFEKKSLEDKTERELLESYIDGR A,C
2 'polypeptide(L)'
;IVEGSDAEIGMSPWQVMLFRKSPQELLCGASLISDRWVLTAAHCLLYPPWDKNFTENDLLVRIGKHSRTRYERNIEKISM
LEKIYIHPRYNWRENLDRDIALMKLKKPVAFSDYIHPVCLPDRETAASLLQAGYKGRVTGWGNLKETWTANVGKGQPSVL
QVVNLPIVERPVCKDSTRIRITDNMFCAGYKPDEGKRGAACEGDSGGPFVMKSPFNNRWYQMGIVSWGEGCDRDGKYGFY
THVFRLKKWIQKVIDQFGE
;
B,D
#
loop_
_chem_comp.id
_chem_comp.type
_chem_comp.name
_chem_comp.formula
CL non-polymer 'CHLORIDE ION' 'Cl -1'
GOL non-polymer GLYCEROL 'C3 H8 O3'
NAG D-saccharide, beta linking 2-acetamido-2-deoxy-beta-D-glucopyranose 'C8 H15 N O6'
#
# COMPACT_ATOMS: atom_id res chain seq x y z
N SER A 1 1.65 -9.45 0.45
CA SER A 1 0.95 -9.32 1.77
C SER A 1 0.64 -10.69 2.40
N GLY A 2 1.05 -11.77 1.73
CA GLY A 2 0.95 -13.12 2.27
C GLY A 2 -0.09 -14.02 1.62
N GLU A 3 -0.83 -13.48 0.65
CA GLU A 3 -1.91 -14.21 0.00
C GLU A 3 -1.40 -15.41 -0.82
N ALA A 4 -0.29 -15.21 -1.53
CA ALA A 4 0.32 -16.28 -2.34
C ALA A 4 0.61 -17.56 -1.56
N ASP A 5 1.02 -17.44 -0.29
CA ASP A 5 1.36 -18.60 0.53
C ASP A 5 0.30 -18.92 1.61
N CYS A 6 -0.90 -18.39 1.44
CA CYS A 6 -1.96 -18.58 2.44
C CYS A 6 -2.27 -20.06 2.64
N GLY A 7 -2.67 -20.41 3.86
CA GLY A 7 -3.27 -21.72 4.13
C GLY A 7 -2.33 -22.91 4.13
N LEU A 8 -1.03 -22.64 4.12
CA LEU A 8 0.00 -23.68 4.22
C LEU A 8 0.76 -23.43 5.52
N ARG A 9 0.64 -24.36 6.47
CA ARG A 9 1.17 -24.13 7.83
C ARG A 9 2.64 -24.51 7.97
N PRO A 10 3.44 -23.59 8.53
CA PRO A 10 4.89 -23.86 8.68
C PRO A 10 5.21 -25.16 9.44
N LEU A 11 4.41 -25.52 10.44
CA LEU A 11 4.72 -26.69 11.24
C LEU A 11 4.02 -27.95 10.75
N PHE A 12 3.23 -27.82 9.68
CA PHE A 12 2.53 -28.97 9.11
C PHE A 12 2.79 -29.23 7.61
N GLU A 13 2.01 -28.60 6.72
CA GLU A 13 2.19 -28.78 5.27
C GLU A 13 3.62 -28.49 4.80
N LYS A 14 4.20 -27.42 5.34
CA LYS A 14 5.56 -27.01 4.96
C LYS A 14 6.60 -28.05 5.37
N LYS A 15 6.29 -28.82 6.40
CA LYS A 15 7.18 -29.83 6.98
C LYS A 15 6.81 -31.26 6.57
N SER A 16 5.84 -31.40 5.67
CA SER A 16 5.23 -32.69 5.31
C SER A 16 4.68 -33.48 6.51
N LEU A 17 4.16 -32.77 7.50
CA LEU A 17 3.53 -33.39 8.67
C LEU A 17 2.05 -33.10 8.68
N GLU A 18 1.28 -34.02 9.26
CA GLU A 18 -0.16 -33.88 9.32
C GLU A 18 -0.57 -33.77 10.76
N ASP A 19 -1.63 -32.99 11.02
CA ASP A 19 -2.10 -32.86 12.39
C ASP A 19 -2.95 -34.08 12.78
N LYS A 20 -3.30 -34.16 14.06
CA LYS A 20 -3.93 -35.39 14.55
C LYS A 20 -5.31 -35.72 13.99
N THR A 21 -6.03 -34.71 13.48
CA THR A 21 -7.41 -34.96 13.07
C THR A 21 -7.75 -34.54 11.66
N GLU A 22 -6.77 -34.06 10.89
CA GLU A 22 -7.05 -33.61 9.54
C GLU A 22 -7.50 -34.77 8.64
N ARG A 23 -7.12 -36.01 9.00
CA ARG A 23 -7.57 -37.19 8.26
C ARG A 23 -9.09 -37.34 8.30
N GLU A 24 -9.69 -36.93 9.42
CA GLU A 24 -11.15 -36.92 9.55
C GLU A 24 -11.83 -36.04 8.51
N LEU A 25 -11.23 -34.90 8.21
CA LEU A 25 -11.76 -33.99 7.22
C LEU A 25 -11.67 -34.63 5.84
N LEU A 26 -10.52 -35.24 5.55
CA LEU A 26 -10.30 -35.86 4.25
C LEU A 26 -11.29 -36.99 4.04
N GLU A 27 -11.47 -37.81 5.08
CA GLU A 27 -12.42 -38.93 5.03
C GLU A 27 -13.87 -38.48 4.78
N SER A 28 -14.23 -37.29 5.24
CA SER A 28 -15.60 -36.78 5.08
C SER A 28 -15.94 -36.49 3.62
N TYR A 29 -14.91 -36.42 2.78
CA TYR A 29 -15.12 -36.19 1.35
C TYR A 29 -15.48 -37.47 0.61
N ILE A 30 -15.24 -38.63 1.25
CA ILE A 30 -15.43 -39.93 0.58
C ILE A 30 -16.89 -40.16 0.22
N ILE B 1 -16.18 -23.73 22.38
CA ILE B 1 -16.04 -25.15 21.91
C ILE B 1 -16.40 -26.08 23.05
N VAL B 2 -17.17 -27.12 22.75
CA VAL B 2 -17.40 -28.23 23.69
C VAL B 2 -17.05 -29.57 23.08
N GLU B 3 -16.56 -30.49 23.92
CA GLU B 3 -16.16 -31.83 23.52
C GLU B 3 -15.13 -31.85 22.37
N GLY B 4 -14.26 -30.85 22.41
CA GLY B 4 -13.17 -30.74 21.45
C GLY B 4 -11.91 -31.40 21.99
N SER B 5 -10.80 -31.16 21.30
CA SER B 5 -9.49 -31.66 21.72
C SER B 5 -8.52 -30.49 21.73
N ASP B 6 -7.39 -30.65 22.42
CA ASP B 6 -6.37 -29.60 22.46
C ASP B 6 -5.76 -29.42 21.06
N ALA B 7 -5.72 -28.19 20.59
CA ALA B 7 -5.01 -27.85 19.35
C ALA B 7 -3.53 -28.10 19.54
N GLU B 8 -2.89 -28.67 18.53
CA GLU B 8 -1.45 -28.85 18.52
C GLU B 8 -0.82 -27.49 18.26
N ILE B 9 0.42 -27.32 18.68
CA ILE B 9 1.10 -26.05 18.45
C ILE B 9 1.23 -25.74 16.96
N GLY B 10 0.80 -24.54 16.57
CA GLY B 10 0.86 -24.08 15.18
C GLY B 10 -0.16 -24.74 14.26
N MET B 11 -1.17 -25.38 14.85
CA MET B 11 -2.21 -26.08 14.09
C MET B 11 -3.17 -25.11 13.42
N SER B 12 -3.39 -23.97 14.07
CA SER B 12 -4.34 -22.97 13.58
C SER B 12 -3.67 -21.58 13.65
N PRO B 13 -2.65 -21.34 12.78
CA PRO B 13 -1.83 -20.15 12.98
C PRO B 13 -2.50 -18.86 12.50
N TRP B 14 -3.68 -18.98 11.89
CA TRP B 14 -4.48 -17.83 11.50
C TRP B 14 -5.43 -17.39 12.62
N GLN B 15 -5.36 -18.06 13.78
CA GLN B 15 -6.27 -17.76 14.86
C GLN B 15 -5.97 -16.37 15.40
N VAL B 16 -7.00 -15.56 15.64
CA VAL B 16 -6.82 -14.21 16.19
C VAL B 16 -7.81 -14.06 17.36
N MET B 17 -7.34 -13.44 18.43
CA MET B 17 -8.18 -13.12 19.57
C MET B 17 -8.49 -11.62 19.58
N LEU B 18 -9.77 -11.26 19.66
CA LEU B 18 -10.15 -9.85 19.71
C LEU B 18 -10.45 -9.44 21.16
N PHE B 19 -9.75 -8.40 21.62
CA PHE B 19 -9.90 -7.92 23.01
C PHE B 19 -10.40 -6.49 23.10
N ARG B 20 -11.19 -6.22 24.14
CA ARG B 20 -11.44 -4.86 24.59
C ARG B 20 -10.24 -4.49 25.44
N LYS B 21 -9.70 -3.29 25.24
CA LYS B 21 -8.53 -2.84 26.03
C LYS B 21 -8.83 -2.66 27.50
N SER B 22 -9.95 -1.98 27.81
CA SER B 22 -10.22 -1.55 29.17
C SER B 22 -11.72 -1.49 29.41
N PRO B 23 -12.24 -2.32 30.34
CA PRO B 23 -11.50 -3.35 31.06
C PRO B 23 -11.08 -4.46 30.11
N GLN B 24 -9.91 -5.02 30.35
CA GLN B 24 -9.34 -6.00 29.45
C GLN B 24 -10.23 -7.26 29.39
N GLU B 25 -10.70 -7.59 28.19
CA GLU B 25 -11.70 -8.66 28.03
C GLU B 25 -11.60 -9.29 26.65
N LEU B 26 -11.59 -10.62 26.59
CA LEU B 26 -11.71 -11.33 25.31
C LEU B 26 -13.16 -11.22 24.81
N LEU B 27 -13.36 -10.69 23.60
CA LEU B 27 -14.71 -10.45 23.09
C LEU B 27 -15.13 -11.52 22.11
N CYS B 28 -14.20 -11.93 21.28
CA CYS B 28 -14.57 -12.78 20.16
C CYS B 28 -13.35 -13.42 19.52
N GLY B 29 -13.60 -14.45 18.72
CA GLY B 29 -12.59 -15.02 17.83
C GLY B 29 -12.51 -14.21 16.54
N ALA B 30 -11.48 -14.49 15.76
CA ALA B 30 -11.24 -13.79 14.50
C ALA B 30 -10.19 -14.59 13.72
N SER B 31 -9.88 -14.17 12.50
CA SER B 31 -8.90 -14.92 11.71
C SER B 31 -8.02 -13.97 10.90
N LEU B 32 -6.80 -14.40 10.65
CA LEU B 32 -5.82 -13.58 9.93
C LEU B 32 -5.88 -13.98 8.47
N ILE B 33 -6.16 -13.01 7.61
CA ILE B 33 -6.29 -13.31 6.17
C ILE B 33 -5.19 -12.67 5.29
N SER B 34 -4.36 -11.84 5.92
CA SER B 34 -3.19 -11.27 5.24
C SER B 34 -2.36 -10.60 6.34
N ASP B 35 -1.21 -10.01 6.01
CA ASP B 35 -0.41 -9.39 7.08
C ASP B 35 -1.04 -8.17 7.74
N ARG B 36 -2.12 -7.63 7.16
CA ARG B 36 -2.75 -6.41 7.66
C ARG B 36 -4.25 -6.59 7.94
N TRP B 37 -4.80 -7.75 7.63
CA TRP B 37 -6.26 -7.88 7.65
C TRP B 37 -6.74 -9.03 8.50
N VAL B 38 -7.75 -8.74 9.34
CA VAL B 38 -8.37 -9.74 10.22
C VAL B 38 -9.88 -9.77 9.96
N LEU B 39 -10.44 -10.98 9.86
CA LEU B 39 -11.84 -11.18 9.58
C LEU B 39 -12.54 -11.61 10.87
N THR B 40 -13.73 -11.09 11.14
CA THR B 40 -14.52 -11.51 12.32
C THR B 40 -16.01 -11.36 12.01
N ALA B 41 -16.87 -11.59 13.01
CA ALA B 41 -18.31 -11.37 12.86
C ALA B 41 -18.63 -9.91 13.18
N ALA B 42 -19.52 -9.30 12.38
CA ALA B 42 -19.98 -7.94 12.64
C ALA B 42 -20.60 -7.81 14.05
N HIS B 43 -21.34 -8.82 14.50
CA HIS B 43 -22.02 -8.69 15.80
C HIS B 43 -21.05 -8.61 16.97
N CYS B 44 -19.80 -9.01 16.75
CA CYS B 44 -18.74 -8.82 17.76
C CYS B 44 -18.37 -7.34 17.95
N LEU B 45 -18.61 -6.54 16.92
CA LEU B 45 -18.16 -5.13 16.87
C LEU B 45 -19.31 -4.14 16.94
N LEU B 46 -20.47 -4.54 16.43
CA LEU B 46 -21.63 -3.64 16.35
C LEU B 46 -22.92 -4.37 16.69
N TYR B 47 -23.50 -3.98 17.82
CA TYR B 47 -24.80 -4.49 18.23
C TYR B 47 -25.39 -3.47 19.18
N PRO B 48 -26.05 -2.43 18.61
CA PRO B 48 -26.57 -1.32 19.41
C PRO B 48 -27.47 -1.70 20.60
N PRO B 49 -28.32 -2.76 20.49
CA PRO B 49 -29.17 -3.04 21.68
C PRO B 49 -28.36 -3.31 22.94
N TRP B 50 -27.16 -3.86 22.76
CA TRP B 50 -26.30 -4.20 23.88
C TRP B 50 -25.18 -3.20 24.06
N ASP B 51 -25.41 -2.01 23.49
CA ASP B 51 -24.48 -0.89 23.55
C ASP B 51 -23.07 -1.30 23.10
N LYS B 52 -23.02 -2.08 22.01
CA LYS B 52 -21.79 -2.51 21.37
C LYS B 52 -21.58 -1.71 20.08
N ASN B 53 -20.57 -0.83 20.05
CA ASN B 53 -20.30 -0.02 18.86
C ASN B 53 -18.88 0.48 18.94
N PHE B 54 -17.96 -0.48 18.83
CA PHE B 54 -16.57 -0.20 19.12
C PHE B 54 -15.91 0.71 18.10
N THR B 55 -15.05 1.59 18.61
CA THR B 55 -14.13 2.35 17.77
C THR B 55 -12.79 1.59 17.75
N GLU B 56 -11.90 1.97 16.83
CA GLU B 56 -10.65 1.23 16.65
C GLU B 56 -9.79 1.26 17.89
N ASN B 57 -9.82 2.38 18.61
CA ASN B 57 -8.97 2.52 19.79
C ASN B 57 -9.54 1.85 21.04
N ASP B 58 -10.72 1.23 20.92
CA ASP B 58 -11.28 0.49 22.05
C ASP B 58 -10.69 -0.92 22.12
N LEU B 59 -10.02 -1.34 21.04
CA LEU B 59 -9.76 -2.75 20.85
C LEU B 59 -8.31 -3.05 20.55
N LEU B 60 -7.93 -4.31 20.71
CA LEU B 60 -6.70 -4.84 20.15
C LEU B 60 -6.91 -6.28 19.73
N VAL B 61 -5.87 -6.80 19.05
CA VAL B 61 -5.90 -8.25 18.78
C VAL B 61 -4.62 -8.90 19.27
N ARG B 62 -4.72 -10.15 19.66
CA ARG B 62 -3.53 -10.96 19.95
C ARG B 62 -3.51 -12.14 19.00
N ILE B 63 -2.33 -12.44 18.50
CA ILE B 63 -2.17 -13.36 17.37
C ILE B 63 -1.06 -14.32 17.77
N GLY B 64 -1.19 -15.58 17.35
CA GLY B 64 -0.17 -16.59 17.68
C GLY B 64 -0.29 -17.23 19.05
N LYS B 65 -1.40 -16.97 19.75
CA LYS B 65 -1.61 -17.51 21.10
C LYS B 65 -2.25 -18.89 21.11
N HIS B 66 -1.86 -19.73 22.07
CA HIS B 66 -2.51 -21.02 22.27
C HIS B 66 -2.99 -21.19 23.71
N SER B 67 -2.55 -20.30 24.61
CA SER B 67 -2.95 -20.28 26.01
C SER B 67 -3.88 -19.12 26.31
N ARG B 68 -5.00 -19.37 26.96
CA ARG B 68 -6.00 -18.31 27.12
C ARG B 68 -5.61 -17.25 28.13
N THR B 69 -4.78 -17.59 29.11
CA THR B 69 -4.46 -16.66 30.19
C THR B 69 -2.96 -16.36 30.38
N ARG B 70 -2.11 -17.25 29.85
CA ARG B 70 -0.65 -17.20 30.07
C ARG B 70 0.08 -16.48 28.92
N TYR B 71 0.92 -15.50 29.25
CA TYR B 71 1.71 -14.77 28.23
C TYR B 71 2.70 -15.71 27.57
N GLU B 72 2.74 -15.64 26.23
CA GLU B 72 3.63 -16.48 25.43
C GLU B 72 4.75 -15.64 24.80
N ARG B 73 5.85 -15.49 25.52
CA ARG B 73 6.93 -14.58 25.16
C ARG B 73 7.62 -14.98 23.86
N ASN B 74 7.93 -13.99 23.02
CA ASN B 74 8.50 -14.20 21.67
C ASN B 74 7.66 -15.08 20.72
N ILE B 75 6.40 -15.30 21.06
CA ILE B 75 5.50 -16.11 20.23
C ILE B 75 4.27 -15.27 19.88
N GLU B 76 3.51 -14.86 20.90
CA GLU B 76 2.29 -14.09 20.65
C GLU B 76 2.64 -12.66 20.26
N LYS B 77 1.84 -12.09 19.36
CA LYS B 77 2.02 -10.71 18.96
C LYS B 77 0.73 -9.92 19.19
N ILE B 78 0.90 -8.66 19.57
CA ILE B 78 -0.21 -7.71 19.73
C ILE B 78 -0.27 -6.75 18.55
N SER B 79 -1.47 -6.48 18.06
CA SER B 79 -1.64 -5.50 17.00
C SER B 79 -2.77 -4.57 17.38
N MET B 80 -2.56 -3.29 17.10
CA MET B 80 -3.59 -2.29 17.21
C MET B 80 -4.36 -2.23 15.89
N LEU B 81 -5.55 -1.63 15.92
CA LEU B 81 -6.37 -1.50 14.73
C LEU B 81 -6.30 -0.09 14.15
N GLU B 82 -6.18 -0.03 12.84
CA GLU B 82 -6.24 1.24 12.10
C GLU B 82 -7.70 1.59 11.81
N LYS B 83 -8.46 0.59 11.38
CA LYS B 83 -9.85 0.83 10.98
C LYS B 83 -10.69 -0.41 11.05
N ILE B 84 -11.96 -0.25 11.35
CA ILE B 84 -12.95 -1.30 11.40
C ILE B 84 -13.91 -1.09 10.22
N TYR B 85 -14.24 -2.17 9.54
CA TYR B 85 -15.16 -2.15 8.43
C TYR B 85 -16.24 -3.21 8.62
N ILE B 86 -17.47 -2.75 8.69
CA ILE B 86 -18.63 -3.59 8.89
C ILE B 86 -19.42 -3.68 7.60
N HIS B 87 -19.87 -4.86 7.23
CA HIS B 87 -20.64 -5.00 5.99
C HIS B 87 -21.79 -3.98 5.98
N PRO B 88 -21.97 -3.26 4.85
CA PRO B 88 -22.97 -2.20 4.87
C PRO B 88 -24.41 -2.71 4.91
N ARG B 89 -24.61 -3.98 4.59
CA ARG B 89 -25.94 -4.57 4.65
C ARG B 89 -26.11 -5.57 5.80
N TYR B 90 -25.19 -5.50 6.77
CA TYR B 90 -25.29 -6.31 8.02
C TYR B 90 -26.63 -6.09 8.70
N ASN B 91 -27.35 -7.18 8.98
CA ASN B 91 -28.72 -7.11 9.46
C ASN B 91 -28.87 -7.48 10.95
N TRP B 92 -28.49 -6.56 11.82
CA TRP B 92 -28.61 -6.80 13.27
C TRP B 92 -30.05 -6.72 13.78
N ARG B 93 -30.94 -6.04 13.06
CA ARG B 93 -32.32 -5.91 13.52
C ARG B 93 -33.18 -7.17 13.36
N GLU B 94 -32.90 -8.10 12.33
CA GLU B 94 -33.60 -9.39 12.30
C GLU B 94 -32.72 -10.55 12.75
N ASN B 95 -31.80 -10.94 11.71
CA ASN B 95 -31.24 -12.30 11.80
C ASN B 95 -29.73 -12.37 11.68
N LEU B 96 -29.07 -11.23 11.77
CA LEU B 96 -27.61 -11.20 11.63
C LEU B 96 -27.19 -11.58 10.21
N ASP B 97 -28.03 -11.33 9.21
CA ASP B 97 -27.63 -11.55 7.81
C ASP B 97 -26.39 -10.70 7.52
N ARG B 98 -25.44 -11.27 6.78
CA ARG B 98 -24.19 -10.62 6.41
C ARG B 98 -23.38 -10.25 7.66
N ASP B 99 -23.25 -11.22 8.57
CA ASP B 99 -22.54 -11.05 9.85
C ASP B 99 -21.03 -11.14 9.62
N ILE B 100 -20.47 -10.06 9.09
CA ILE B 100 -19.08 -10.06 8.67
C ILE B 100 -18.46 -8.69 8.86
N ALA B 101 -17.20 -8.67 9.28
CA ALA B 101 -16.46 -7.43 9.45
C ALA B 101 -14.99 -7.68 9.20
N LEU B 102 -14.31 -6.62 8.76
CA LEU B 102 -12.87 -6.60 8.58
C LEU B 102 -12.23 -5.61 9.53
N MET B 103 -11.04 -5.97 10.01
CA MET B 103 -10.28 -5.03 10.82
C MET B 103 -8.91 -4.91 10.17
N LYS B 104 -8.55 -3.68 9.82
CA LYS B 104 -7.21 -3.41 9.30
C LYS B 104 -6.28 -3.13 10.45
N LEU B 105 -5.17 -3.87 10.51
CA LEU B 105 -4.12 -3.64 11.53
C LEU B 105 -3.31 -2.37 11.29
N LYS B 106 -2.82 -1.73 12.36
CA LYS B 106 -2.00 -0.54 12.23
C LYS B 106 -0.66 -0.77 11.54
N LYS B 107 -0.10 -1.96 11.77
CA LYS B 107 1.18 -2.38 11.21
C LYS B 107 1.06 -3.83 10.76
N PRO B 108 1.82 -4.22 9.72
CA PRO B 108 1.80 -5.62 9.34
C PRO B 108 2.32 -6.51 10.47
N VAL B 109 1.65 -7.63 10.71
CA VAL B 109 2.17 -8.66 11.64
C VAL B 109 3.17 -9.56 10.92
N ALA B 110 4.28 -9.87 11.61
CA ALA B 110 5.29 -10.75 11.05
C ALA B 110 4.80 -12.19 11.13
N PHE B 111 4.96 -12.93 10.04
CA PHE B 111 4.59 -14.35 10.05
C PHE B 111 5.68 -15.19 10.74
N SER B 112 5.26 -16.32 11.30
CA SER B 112 6.16 -17.22 12.03
C SER B 112 5.57 -18.61 11.96
N ASP B 113 6.18 -19.57 12.66
CA ASP B 113 5.62 -20.91 12.84
C ASP B 113 4.21 -20.89 13.45
N TYR B 114 3.90 -19.81 14.16
CA TYR B 114 2.68 -19.71 14.93
C TYR B 114 1.66 -18.74 14.36
N ILE B 115 2.12 -17.94 13.38
CA ILE B 115 1.28 -16.89 12.80
C ILE B 115 1.36 -16.99 11.28
N HIS B 116 0.21 -17.25 10.66
CA HIS B 116 0.20 -17.42 9.19
C HIS B 116 -1.23 -17.27 8.72
N PRO B 117 -1.44 -16.61 7.57
CA PRO B 117 -2.84 -16.39 7.17
C PRO B 117 -3.52 -17.60 6.53
N VAL B 118 -4.85 -17.62 6.65
CA VAL B 118 -5.69 -18.63 5.99
C VAL B 118 -6.12 -18.07 4.62
N CYS B 119 -6.46 -18.95 3.67
CA CYS B 119 -6.94 -18.50 2.35
C CYS B 119 -8.43 -18.16 2.36
N LEU B 120 -8.82 -17.16 1.57
CA LEU B 120 -10.24 -16.93 1.26
C LEU B 120 -10.63 -17.95 0.18
N PRO B 121 -11.88 -18.46 0.21
CA PRO B 121 -12.31 -19.41 -0.81
C PRO B 121 -12.42 -18.78 -2.19
N ASP B 122 -12.13 -19.58 -3.19
CA ASP B 122 -12.37 -19.22 -4.58
C ASP B 122 -13.62 -19.97 -5.03
N ARG B 123 -14.02 -19.73 -6.29
CA ARG B 123 -15.26 -20.28 -6.81
C ARG B 123 -15.22 -21.80 -6.77
N GLU B 124 -14.08 -22.39 -7.14
CA GLU B 124 -13.93 -23.86 -7.15
C GLU B 124 -14.10 -24.47 -5.77
N THR B 125 -13.47 -23.85 -4.78
CA THR B 125 -13.49 -24.39 -3.42
C THR B 125 -14.90 -24.25 -2.83
N ALA B 126 -15.55 -23.11 -3.07
CA ALA B 126 -16.91 -22.91 -2.57
C ALA B 126 -17.88 -23.92 -3.19
N ALA B 127 -17.79 -24.10 -4.50
CA ALA B 127 -18.68 -25.01 -5.21
C ALA B 127 -18.45 -26.44 -4.74
N SER B 128 -17.19 -26.82 -4.57
CA SER B 128 -16.85 -28.24 -4.36
C SER B 128 -16.95 -28.71 -2.92
N LEU B 129 -16.62 -27.83 -1.98
CA LEU B 129 -16.42 -28.25 -0.61
C LEU B 129 -17.58 -27.93 0.32
N LEU B 130 -18.36 -26.92 -0.03
CA LEU B 130 -19.47 -26.56 0.84
C LEU B 130 -20.67 -27.43 0.51
N GLN B 131 -20.60 -28.69 0.95
CA GLN B 131 -21.61 -29.71 0.68
C GLN B 131 -21.98 -30.42 1.96
N ALA B 132 -23.23 -30.82 2.07
CA ALA B 132 -23.72 -31.51 3.28
C ALA B 132 -22.88 -32.75 3.51
N GLY B 133 -22.45 -32.94 4.76
CA GLY B 133 -21.68 -34.09 5.19
C GLY B 133 -20.19 -33.88 5.18
N TYR B 134 -19.71 -32.90 4.39
CA TYR B 134 -18.29 -32.59 4.40
C TYR B 134 -17.98 -31.87 5.69
N LYS B 135 -16.80 -32.12 6.24
CA LYS B 135 -16.45 -31.54 7.54
C LYS B 135 -15.50 -30.37 7.41
N GLY B 136 -15.72 -29.37 8.26
CA GLY B 136 -14.77 -28.31 8.46
C GLY B 136 -14.37 -28.28 9.93
N ARG B 137 -13.52 -27.33 10.26
CA ARG B 137 -12.89 -27.29 11.56
C ARG B 137 -13.11 -25.92 12.20
N VAL B 138 -13.49 -25.93 13.48
CA VAL B 138 -13.67 -24.70 14.23
C VAL B 138 -12.72 -24.78 15.41
N THR B 139 -12.11 -23.64 15.73
CA THR B 139 -11.16 -23.55 16.82
C THR B 139 -11.57 -22.41 17.74
N GLY B 140 -11.33 -22.56 19.04
CA GLY B 140 -11.75 -21.54 19.99
C GLY B 140 -11.47 -22.02 21.38
N TRP B 141 -12.06 -21.38 22.37
CA TRP B 141 -11.77 -21.74 23.74
C TRP B 141 -12.87 -22.64 24.27
N GLY B 142 -12.54 -23.47 25.27
CA GLY B 142 -13.52 -24.38 25.83
C GLY B 142 -14.60 -23.62 26.56
N ASN B 143 -15.79 -24.23 26.64
CA ASN B 143 -16.85 -23.72 27.50
C ASN B 143 -16.76 -24.35 28.88
N SER B 158 -6.52 -22.74 30.38
CA SER B 158 -7.06 -23.46 29.22
C SER B 158 -6.33 -23.12 27.91
N VAL B 159 -6.32 -24.07 26.98
CA VAL B 159 -5.60 -23.93 25.72
C VAL B 159 -6.57 -24.05 24.55
N LEU B 160 -6.13 -23.62 23.36
CA LEU B 160 -7.00 -23.59 22.19
C LEU B 160 -7.59 -24.99 21.93
N GLN B 161 -8.90 -25.03 21.66
CA GLN B 161 -9.61 -26.28 21.40
C GLN B 161 -9.98 -26.36 19.93
N VAL B 162 -10.13 -27.60 19.44
CA VAL B 162 -10.46 -27.86 18.04
C VAL B 162 -11.58 -28.90 17.95
N VAL B 163 -12.51 -28.66 17.02
CA VAL B 163 -13.55 -29.63 16.74
C VAL B 163 -13.75 -29.68 15.22
N ASN B 164 -14.02 -30.86 14.68
CA ASN B 164 -14.32 -31.00 13.24
C ASN B 164 -15.79 -31.33 13.13
N LEU B 165 -16.49 -30.57 12.30
CA LEU B 165 -17.95 -30.63 12.25
C LEU B 165 -18.47 -30.75 10.83
N PRO B 166 -19.48 -31.63 10.61
CA PRO B 166 -20.04 -31.78 9.28
C PRO B 166 -21.03 -30.67 8.94
N ILE B 167 -20.99 -30.25 7.68
CA ILE B 167 -21.96 -29.31 7.15
C ILE B 167 -23.34 -30.00 7.06
N VAL B 168 -24.38 -29.26 7.43
CA VAL B 168 -25.76 -29.79 7.48
C VAL B 168 -26.56 -29.42 6.23
N GLU B 169 -27.44 -30.34 5.78
CA GLU B 169 -28.33 -30.08 4.65
C GLU B 169 -29.14 -28.80 4.92
N ARG B 170 -29.27 -27.97 3.88
CA ARG B 170 -29.94 -26.68 4.02
C ARG B 170 -31.38 -26.76 4.56
N PRO B 171 -32.20 -27.71 4.07
CA PRO B 171 -33.55 -27.78 4.65
C PRO B 171 -33.54 -28.21 6.13
N VAL B 172 -32.60 -29.08 6.50
CA VAL B 172 -32.43 -29.52 7.89
C VAL B 172 -32.02 -28.35 8.79
N CYS B 173 -31.08 -27.54 8.32
CA CYS B 173 -30.69 -26.31 9.03
C CYS B 173 -31.91 -25.42 9.27
N LYS B 174 -32.71 -25.19 8.23
CA LYS B 174 -33.86 -24.28 8.35
C LYS B 174 -34.90 -24.81 9.33
N ASP B 175 -35.06 -26.14 9.36
CA ASP B 175 -36.06 -26.76 10.23
C ASP B 175 -35.61 -26.80 11.69
N SER B 176 -34.35 -26.46 11.93
CA SER B 176 -33.76 -26.59 13.26
CA SER B 176 -33.74 -26.59 13.26
C SER B 176 -33.71 -25.27 14.03
N THR B 177 -34.19 -24.21 13.42
CA THR B 177 -34.18 -22.89 14.06
C THR B 177 -35.42 -22.11 13.67
N ARG B 178 -35.81 -21.11 14.47
CA ARG B 178 -36.87 -20.19 14.04
C ARG B 178 -36.31 -19.02 13.24
N ILE B 179 -34.99 -18.89 13.25
CA ILE B 179 -34.32 -17.84 12.47
C ILE B 179 -34.46 -18.08 10.96
N ARG B 180 -34.68 -17.01 10.20
CA ARG B 180 -34.69 -17.09 8.74
C ARG B 180 -33.26 -17.25 8.22
N ILE B 181 -32.99 -18.41 7.63
CA ILE B 181 -31.66 -18.71 7.11
C ILE B 181 -31.51 -18.24 5.67
N THR B 182 -30.54 -17.36 5.44
CA THR B 182 -30.34 -16.79 4.11
C THR B 182 -29.24 -17.51 3.39
N ASP B 183 -29.09 -17.20 2.10
CA ASP B 183 -28.03 -17.77 1.29
C ASP B 183 -26.65 -17.30 1.74
N ASN B 184 -26.60 -16.31 2.65
CA ASN B 184 -25.33 -15.84 3.20
C ASN B 184 -24.93 -16.58 4.47
N MET B 185 -25.65 -17.68 4.74
CA MET B 185 -25.42 -18.47 5.95
C MET B 185 -25.33 -19.95 5.61
N PHE B 186 -24.65 -20.73 6.44
CA PHE B 186 -24.77 -22.18 6.38
C PHE B 186 -24.76 -22.71 7.80
N CYS B 187 -25.09 -23.98 7.97
CA CYS B 187 -24.99 -24.54 9.32
C CYS B 187 -24.19 -25.83 9.38
N ALA B 188 -23.68 -26.13 10.56
CA ALA B 188 -22.82 -27.28 10.73
C ALA B 188 -22.99 -27.82 12.12
N GLY B 189 -22.67 -29.11 12.26
CA GLY B 189 -22.70 -29.78 13.55
C GLY B 189 -23.27 -31.16 13.41
N TYR B 190 -23.05 -31.97 14.43
CA TYR B 190 -23.55 -33.33 14.43
C TYR B 190 -25.01 -33.40 14.79
N LYS B 191 -25.71 -34.36 14.21
CA LYS B 191 -27.10 -34.68 14.58
C LYS B 191 -27.19 -35.00 16.07
N PRO B 192 -28.15 -34.40 16.78
CA PRO B 192 -28.28 -34.60 18.23
C PRO B 192 -28.49 -36.06 18.62
N ASP B 193 -29.43 -36.73 17.97
CA ASP B 193 -29.80 -38.11 18.32
C ASP B 193 -28.75 -39.15 17.92
N GLU B 194 -27.90 -38.77 16.97
CA GLU B 194 -26.77 -39.61 16.55
C GLU B 194 -25.83 -39.87 17.72
N GLY B 195 -25.47 -38.81 18.43
CA GLY B 195 -24.64 -38.92 19.62
C GLY B 195 -23.14 -39.00 19.39
N LYS B 196 -22.69 -38.52 18.25
CA LYS B 196 -21.26 -38.24 18.06
C LYS B 196 -20.97 -36.85 18.64
N ARG B 197 -19.88 -36.73 19.37
CA ARG B 197 -19.62 -35.54 20.20
C ARG B 197 -18.78 -34.46 19.53
N GLY B 198 -18.87 -33.25 20.08
CA GLY B 198 -18.14 -32.09 19.57
C GLY B 198 -19.08 -31.02 19.04
N ALA B 199 -18.87 -29.77 19.46
CA ALA B 199 -19.71 -28.68 19.00
C ALA B 199 -19.04 -27.31 19.10
N ALA B 200 -19.45 -26.40 18.23
CA ALA B 200 -19.12 -24.97 18.33
C ALA B 200 -20.26 -24.27 19.04
N CYS B 201 -19.93 -23.19 19.74
CA CYS B 201 -20.87 -22.53 20.62
C CYS B 201 -20.96 -21.05 20.34
N GLU B 202 -21.97 -20.41 20.92
CA GLU B 202 -22.11 -18.96 20.82
C GLU B 202 -20.81 -18.26 21.16
N GLY B 203 -20.10 -18.74 22.19
CA GLY B 203 -18.86 -18.14 22.63
C GLY B 203 -17.72 -18.19 21.61
N ASP B 204 -17.86 -19.02 20.59
CA ASP B 204 -16.88 -19.10 19.51
C ASP B 204 -17.13 -18.09 18.40
N SER B 205 -18.15 -17.25 18.56
CA SER B 205 -18.49 -16.22 17.58
C SER B 205 -17.27 -15.48 17.06
N GLY B 206 -17.28 -15.25 15.74
CA GLY B 206 -16.21 -14.51 15.08
C GLY B 206 -15.05 -15.35 14.57
N GLY B 207 -14.88 -16.53 15.16
CA GLY B 207 -13.81 -17.44 14.75
C GLY B 207 -14.09 -18.14 13.43
N PRO B 208 -13.05 -18.73 12.85
CA PRO B 208 -13.17 -19.29 11.52
C PRO B 208 -13.61 -20.77 11.48
N PHE B 209 -14.39 -21.09 10.44
CA PHE B 209 -14.71 -22.46 10.05
C PHE B 209 -13.88 -22.68 8.80
N VAL B 210 -12.92 -23.58 8.91
CA VAL B 210 -11.93 -23.81 7.84
C VAL B 210 -12.02 -25.23 7.28
N MET B 211 -11.58 -25.38 6.03
CA MET B 211 -11.59 -26.66 5.36
C MET B 211 -10.25 -26.83 4.66
N LYS B 212 -9.73 -28.05 4.66
CA LYS B 212 -8.48 -28.33 3.95
C LYS B 212 -8.82 -28.86 2.56
N SER B 213 -8.42 -28.10 1.54
CA SER B 213 -8.74 -28.51 0.18
C SER B 213 -7.99 -29.76 -0.23
N PRO B 214 -8.70 -30.76 -0.80
CA PRO B 214 -8.01 -31.94 -1.32
C PRO B 214 -7.41 -31.68 -2.71
N PHE B 215 -7.68 -30.49 -3.26
CA PHE B 215 -7.18 -30.15 -4.58
C PHE B 215 -5.75 -29.59 -4.55
N ASN B 216 -5.46 -28.78 -3.53
CA ASN B 216 -4.13 -28.17 -3.42
C ASN B 216 -3.54 -28.23 -1.99
N ASN B 217 -4.22 -28.97 -1.11
CA ASN B 217 -3.77 -29.20 0.26
C ASN B 217 -3.64 -27.91 1.10
N ARG B 218 -4.39 -26.89 0.73
CA ARG B 218 -4.37 -25.61 1.48
C ARG B 218 -5.64 -25.45 2.26
N TRP B 219 -5.53 -24.69 3.34
CA TRP B 219 -6.67 -24.38 4.20
C TRP B 219 -7.38 -23.11 3.78
N TYR B 220 -8.70 -23.23 3.69
CA TYR B 220 -9.60 -22.16 3.29
C TYR B 220 -10.60 -21.83 4.38
N GLN B 221 -10.83 -20.54 4.61
CA GLN B 221 -11.89 -20.15 5.55
C GLN B 221 -13.23 -20.06 4.83
N MET B 222 -14.11 -21.00 5.12
CA MET B 222 -15.40 -21.07 4.43
C MET B 222 -16.46 -20.33 5.21
N GLY B 223 -16.29 -20.28 6.54
CA GLY B 223 -17.28 -19.67 7.40
C GLY B 223 -16.73 -18.84 8.56
N ILE B 224 -17.61 -18.04 9.14
CA ILE B 224 -17.34 -17.35 10.41
C ILE B 224 -18.45 -17.79 11.37
N VAL B 225 -18.11 -18.17 12.61
CA VAL B 225 -19.16 -18.50 13.58
C VAL B 225 -20.03 -17.26 13.81
N SER B 226 -21.32 -17.36 13.49
CA SER B 226 -22.22 -16.22 13.61
C SER B 226 -23.13 -16.37 14.83
N TRP B 227 -23.71 -17.56 14.99
CA TRP B 227 -24.33 -17.92 16.28
C TRP B 227 -24.36 -19.43 16.54
N GLY B 228 -24.48 -19.80 17.81
CA GLY B 228 -24.57 -21.20 18.19
C GLY B 228 -25.88 -21.42 18.95
N GLU B 229 -26.60 -22.48 18.59
CA GLU B 229 -27.85 -22.79 19.28
C GLU B 229 -27.73 -23.95 20.27
N GLY B 230 -26.61 -24.66 20.21
CA GLY B 230 -26.34 -25.80 21.06
C GLY B 230 -25.48 -25.53 22.27
N CYS B 231 -24.66 -26.50 22.65
CA CYS B 231 -23.79 -26.36 23.82
C CYS B 231 -24.58 -26.09 25.10
N ASP B 232 -24.55 -24.83 25.54
CA ASP B 232 -25.23 -24.38 26.76
C ASP B 232 -26.71 -23.99 26.53
N ARG B 233 -27.22 -24.34 25.36
CA ARG B 233 -28.64 -24.20 25.03
C ARG B 233 -29.18 -25.49 24.40
N ASP B 234 -30.49 -25.59 24.27
CA ASP B 234 -31.15 -26.81 23.86
C ASP B 234 -31.26 -27.03 22.34
N GLY B 235 -30.63 -26.14 21.58
CA GLY B 235 -30.69 -26.18 20.11
C GLY B 235 -29.77 -27.23 19.50
N LYS B 236 -29.70 -27.25 18.18
CA LYS B 236 -29.01 -28.34 17.48
C LYS B 236 -27.68 -27.92 16.91
N TYR B 237 -27.67 -26.82 16.14
CA TYR B 237 -26.53 -26.53 15.28
C TYR B 237 -25.89 -25.18 15.52
N GLY B 238 -24.68 -25.01 14.98
CA GLY B 238 -24.04 -23.70 14.87
C GLY B 238 -24.27 -23.17 13.48
N PHE B 239 -24.29 -21.84 13.38
CA PHE B 239 -24.65 -21.15 12.13
C PHE B 239 -23.51 -20.23 11.78
N TYR B 240 -23.20 -20.19 10.48
CA TYR B 240 -21.98 -19.58 10.00
C TYR B 240 -22.27 -18.59 8.88
N THR B 241 -21.53 -17.48 8.90
CA THR B 241 -21.53 -16.54 7.77
C THR B 241 -20.80 -17.24 6.62
N HIS B 242 -21.41 -17.19 5.42
CA HIS B 242 -20.87 -17.84 4.22
C HIS B 242 -19.88 -16.86 3.60
N VAL B 243 -18.57 -17.09 3.83
CA VAL B 243 -17.54 -16.14 3.47
C VAL B 243 -17.53 -15.93 1.97
N PHE B 244 -17.57 -17.01 1.20
CA PHE B 244 -17.54 -16.82 -0.26
C PHE B 244 -18.68 -15.92 -0.77
N ARG B 245 -19.88 -16.08 -0.22
CA ARG B 245 -21.05 -15.29 -0.64
C ARG B 245 -20.82 -13.80 -0.48
N LEU B 246 -19.96 -13.44 0.47
CA LEU B 246 -19.71 -12.04 0.81
C LEU B 246 -18.34 -11.58 0.35
N LYS B 247 -17.69 -12.38 -0.51
CA LYS B 247 -16.33 -12.05 -0.94
C LYS B 247 -16.24 -10.76 -1.77
N LYS B 248 -17.31 -10.40 -2.50
CA LYS B 248 -17.27 -9.16 -3.32
C LYS B 248 -17.04 -7.97 -2.41
N TRP B 249 -17.69 -7.98 -1.25
CA TRP B 249 -17.52 -6.88 -0.29
C TRP B 249 -16.11 -6.89 0.28
N ILE B 250 -15.64 -8.07 0.69
CA ILE B 250 -14.31 -8.23 1.27
C ILE B 250 -13.30 -7.66 0.30
N GLN B 251 -13.39 -8.02 -0.96
CA GLN B 251 -12.46 -7.54 -1.96
C GLN B 251 -12.53 -6.03 -2.17
N LYS B 252 -13.74 -5.48 -2.16
CA LYS B 252 -13.86 -4.02 -2.32
C LYS B 252 -13.10 -3.30 -1.21
N VAL B 253 -13.19 -3.79 0.01
CA VAL B 253 -12.55 -3.13 1.17
C VAL B 253 -11.03 -3.29 1.09
N ILE B 254 -10.57 -4.51 0.86
CA ILE B 254 -9.12 -4.77 0.78
C ILE B 254 -8.50 -4.01 -0.42
N ASP B 255 -9.21 -4.02 -1.55
CA ASP B 255 -8.73 -3.31 -2.75
C ASP B 255 -8.50 -1.83 -2.48
N GLN B 256 -9.42 -1.19 -1.76
CA GLN B 256 -9.31 0.28 -1.64
C GLN B 256 -8.36 0.69 -0.50
N PHE B 257 -8.32 -0.11 0.56
CA PHE B 257 -7.67 0.29 1.80
C PHE B 257 -6.47 -0.54 2.23
N GLY B 258 -6.16 -1.59 1.47
CA GLY B 258 -4.99 -2.41 1.74
C GLY B 258 -3.70 -1.71 1.38
N GLU B 259 -2.58 -2.33 1.74
CA GLU B 259 -1.25 -1.78 1.47
C GLU B 259 -0.28 -2.92 1.18
N ALA C 4 22.28 0.73 -8.94
CA ALA C 4 22.46 -0.27 -10.03
C ALA C 4 21.39 -0.14 -11.10
N ASP C 5 20.14 0.05 -10.67
CA ASP C 5 18.99 0.01 -11.54
C ASP C 5 18.38 1.39 -11.85
N CYS C 6 19.13 2.46 -11.56
CA CYS C 6 18.61 3.83 -11.73
C CYS C 6 18.19 4.10 -13.16
N GLY C 7 17.18 4.94 -13.33
CA GLY C 7 16.82 5.49 -14.64
C GLY C 7 16.17 4.55 -15.63
N LEU C 8 15.79 3.34 -15.17
CA LEU C 8 15.03 2.37 -15.98
C LEU C 8 13.68 2.20 -15.30
N ARG C 9 12.60 2.55 -15.99
CA ARG C 9 11.28 2.60 -15.36
C ARG C 9 10.56 1.27 -15.40
N PRO C 10 10.05 0.81 -14.25
CA PRO C 10 9.35 -0.48 -14.21
C PRO C 10 8.24 -0.62 -15.23
N LEU C 11 7.50 0.46 -15.49
CA LEU C 11 6.36 0.35 -16.40
C LEU C 11 6.69 0.70 -17.86
N PHE C 12 7.94 1.01 -18.12
CA PHE C 12 8.37 1.37 -19.47
C PHE C 12 9.54 0.53 -19.93
N GLU C 13 10.78 0.98 -19.70
CA GLU C 13 11.96 0.26 -20.17
C GLU C 13 11.98 -1.20 -19.72
N LYS C 14 11.55 -1.45 -18.49
CA LYS C 14 11.55 -2.80 -17.92
C LYS C 14 10.60 -3.74 -18.64
N LYS C 15 9.60 -3.17 -19.30
CA LYS C 15 8.58 -3.92 -20.05
C LYS C 15 8.70 -3.75 -21.57
N SER C 16 9.80 -3.14 -22.01
CA SER C 16 10.01 -2.75 -23.42
C SER C 16 8.84 -1.94 -23.98
N LEU C 17 8.31 -1.07 -23.15
CA LEU C 17 7.26 -0.13 -23.56
C LEU C 17 7.79 1.29 -23.59
N GLU C 18 7.36 2.06 -24.59
CA GLU C 18 7.75 3.45 -24.75
C GLU C 18 6.64 4.38 -24.31
N ASP C 19 7.01 5.48 -23.67
CA ASP C 19 6.01 6.48 -23.35
C ASP C 19 5.68 7.32 -24.60
N LYS C 20 4.64 8.12 -24.50
CA LYS C 20 4.09 8.78 -25.67
C LYS C 20 4.96 9.85 -26.32
N THR C 21 5.92 10.38 -25.59
CA THR C 21 6.72 11.48 -26.15
C THR C 21 8.21 11.27 -26.10
N GLU C 22 8.67 10.13 -25.57
CA GLU C 22 10.12 9.94 -25.47
C GLU C 22 10.83 9.88 -26.85
N ARG C 23 10.01 9.37 -28.01
CA ARG C 23 10.84 9.46 -29.21
C ARG C 23 11.00 10.89 -29.72
N GLU C 24 10.39 11.90 -29.23
CA GLU C 24 10.72 13.29 -29.52
C GLU C 24 12.10 13.63 -28.94
N LEU C 25 12.38 13.15 -27.73
CA LEU C 25 13.70 13.34 -27.13
C LEU C 25 14.80 12.63 -27.92
N LEU C 26 14.57 11.36 -28.22
CA LEU C 26 15.57 10.56 -28.94
C LEU C 26 15.84 11.13 -30.33
N GLU C 27 14.78 11.61 -30.97
CA GLU C 27 14.89 12.25 -32.29
C GLU C 27 15.72 13.52 -32.26
N SER C 28 15.77 14.17 -31.11
CA SER C 28 16.56 15.40 -31.02
C SER C 28 18.06 15.14 -31.15
N TYR C 29 18.48 13.88 -30.98
CA TYR C 29 19.90 13.54 -31.11
C TYR C 29 20.40 13.38 -32.54
N ILE C 30 19.48 13.23 -33.48
CA ILE C 30 19.80 12.83 -34.83
C ILE C 30 19.20 13.77 -35.86
N ASP C 31 19.73 13.67 -37.08
CA ASP C 31 19.24 14.41 -38.24
C ASP C 31 17.83 13.96 -38.58
N GLY C 32 17.69 12.68 -38.91
CA GLY C 32 16.39 12.10 -39.26
C GLY C 32 15.40 12.15 -38.10
N ILE D 1 4.03 24.00 -15.28
CA ILE D 1 4.20 23.68 -16.72
C ILE D 1 3.04 24.31 -17.46
N VAL D 2 3.30 24.84 -18.65
CA VAL D 2 2.22 25.31 -19.53
C VAL D 2 2.33 24.63 -20.88
N GLU D 3 1.18 24.33 -21.47
CA GLU D 3 1.15 23.70 -22.76
C GLU D 3 1.84 22.36 -22.84
N GLY D 4 1.83 21.66 -21.73
CA GLY D 4 2.37 20.31 -21.69
C GLY D 4 1.24 19.32 -21.88
N SER D 5 1.51 18.07 -21.51
CA SER D 5 0.52 17.01 -21.62
C SER D 5 0.52 16.22 -20.31
N ASP D 6 -0.55 15.47 -20.05
CA ASP D 6 -0.57 14.60 -18.86
C ASP D 6 0.50 13.53 -18.96
N ALA D 7 1.24 13.37 -17.87
CA ALA D 7 2.13 12.22 -17.67
C ALA D 7 1.34 10.92 -17.68
N GLU D 8 1.92 9.90 -18.30
CA GLU D 8 1.36 8.55 -18.19
C GLU D 8 1.67 8.01 -16.80
N ILE D 9 0.92 7.02 -16.35
CA ILE D 9 1.16 6.42 -15.04
C ILE D 9 2.55 5.78 -15.00
N GLY D 10 3.33 6.12 -13.96
CA GLY D 10 4.69 5.62 -13.82
C GLY D 10 5.71 6.15 -14.81
N MET D 11 5.36 7.20 -15.56
CA MET D 11 6.27 7.84 -16.52
C MET D 11 7.45 8.57 -15.89
N SER D 12 7.26 9.06 -14.67
CA SER D 12 8.30 9.82 -13.98
C SER D 12 8.34 9.33 -12.53
N PRO D 13 8.83 8.09 -12.33
CA PRO D 13 8.69 7.47 -10.99
C PRO D 13 9.67 8.05 -9.95
N TRP D 14 10.58 8.91 -10.41
CA TRP D 14 11.45 9.68 -9.54
C TRP D 14 10.87 11.03 -9.17
N GLN D 15 9.66 11.33 -9.62
CA GLN D 15 9.06 12.61 -9.30
C GLN D 15 8.78 12.75 -7.81
N VAL D 16 9.06 13.93 -7.25
CA VAL D 16 8.76 14.19 -5.84
C VAL D 16 8.08 15.55 -5.77
N MET D 17 7.11 15.67 -4.86
CA MET D 17 6.43 16.92 -4.60
C MET D 17 6.86 17.39 -3.22
N LEU D 18 7.30 18.64 -3.13
CA LEU D 18 7.68 19.19 -1.82
C LEU D 18 6.54 20.03 -1.28
N PHE D 19 6.06 19.66 -0.09
CA PHE D 19 4.92 20.31 0.55
C PHE D 19 5.30 21.00 1.84
N ARG D 20 4.70 22.17 2.07
CA ARG D 20 4.62 22.75 3.40
C ARG D 20 3.61 21.92 4.21
N LYS D 21 3.95 21.61 5.46
CA LYS D 21 3.06 20.84 6.32
C LYS D 21 1.82 21.63 6.70
N SER D 22 2.03 22.85 7.19
CA SER D 22 0.97 23.65 7.77
C SER D 22 1.19 25.13 7.47
N PRO D 23 0.25 25.76 6.74
CA PRO D 23 -0.85 25.09 6.03
C PRO D 23 -0.33 24.19 4.92
N GLN D 24 -1.15 23.25 4.48
CA GLN D 24 -0.75 22.34 3.39
C GLN D 24 -0.66 23.12 2.09
N GLU D 25 0.51 23.10 1.47
CA GLU D 25 0.76 23.84 0.25
C GLU D 25 1.88 23.19 -0.56
N LEU D 26 1.65 22.97 -1.86
CA LEU D 26 2.71 22.50 -2.75
C LEU D 26 3.67 23.65 -3.01
N LEU D 27 4.94 23.44 -2.66
CA LEU D 27 5.94 24.47 -2.73
C LEU D 27 6.80 24.37 -3.99
N CYS D 28 7.20 23.15 -4.32
CA CYS D 28 8.21 22.94 -5.35
C CYS D 28 8.19 21.50 -5.84
N GLY D 29 8.83 21.30 -6.98
CA GLY D 29 9.19 19.95 -7.39
C GLY D 29 10.48 19.50 -6.75
N ALA D 30 10.77 18.22 -6.97
CA ALA D 30 11.99 17.58 -6.46
C ALA D 30 12.12 16.22 -7.15
N SER D 31 13.18 15.48 -6.84
CA SER D 31 13.40 14.20 -7.53
C SER D 31 14.05 13.20 -6.59
N LEU D 32 13.79 11.93 -6.85
CA LEU D 32 14.31 10.84 -6.03
C LEU D 32 15.59 10.30 -6.65
N ILE D 33 16.70 10.33 -5.91
CA ILE D 33 17.98 9.85 -6.44
C ILE D 33 18.49 8.59 -5.74
N SER D 34 17.83 8.20 -4.65
CA SER D 34 18.08 6.90 -4.00
C SER D 34 16.91 6.62 -3.05
N ASP D 35 16.99 5.54 -2.29
CA ASP D 35 15.89 5.27 -1.38
C ASP D 35 15.80 6.25 -0.20
N ARG D 36 16.81 7.10 -0.01
CA ARG D 36 16.86 8.01 1.15
C ARG D 36 17.07 9.47 0.79
N TRP D 37 17.40 9.75 -0.47
CA TRP D 37 17.84 11.10 -0.86
C TRP D 37 16.97 11.72 -1.95
N VAL D 38 16.61 12.99 -1.71
CA VAL D 38 15.77 13.77 -2.62
C VAL D 38 16.49 15.06 -3.00
N LEU D 39 16.46 15.37 -4.29
CA LEU D 39 17.21 16.51 -4.81
C LEU D 39 16.20 17.61 -5.14
N THR D 40 16.53 18.86 -4.81
CA THR D 40 15.63 19.99 -5.17
C THR D 40 16.46 21.26 -5.33
N ALA D 41 15.81 22.41 -5.52
CA ALA D 41 16.48 23.70 -5.64
C ALA D 41 16.65 24.30 -4.22
N ALA D 42 17.80 24.89 -3.95
CA ALA D 42 18.02 25.55 -2.65
C ALA D 42 17.00 26.67 -2.38
N HIS D 43 16.63 27.41 -3.42
CA HIS D 43 15.74 28.56 -3.23
C HIS D 43 14.34 28.15 -2.79
N CYS D 44 13.99 26.87 -2.97
CA CYS D 44 12.73 26.30 -2.45
C CYS D 44 12.75 26.16 -0.93
N LEU D 45 13.96 26.14 -0.36
CA LEU D 45 14.18 25.85 1.06
C LEU D 45 14.76 27.00 1.86
N LEU D 46 15.52 27.87 1.20
CA LEU D 46 16.25 28.94 1.86
C LEU D 46 16.26 30.21 1.01
N TYR D 47 15.54 31.22 1.47
CA TYR D 47 15.59 32.53 0.82
C TYR D 47 15.26 33.57 1.86
N PRO D 48 16.30 34.03 2.59
CA PRO D 48 16.14 34.99 3.68
C PRO D 48 15.29 36.24 3.39
N PRO D 49 15.42 36.88 2.21
CA PRO D 49 14.61 38.10 2.01
C PRO D 49 13.11 37.84 2.18
N TRP D 50 12.66 36.62 1.83
CA TRP D 50 11.24 36.27 1.92
C TRP D 50 10.92 35.43 3.15
N ASP D 51 11.85 35.43 4.11
CA ASP D 51 11.71 34.72 5.39
C ASP D 51 11.48 33.20 5.17
N LYS D 52 12.18 32.66 4.19
CA LYS D 52 12.11 31.23 3.92
C LYS D 52 13.38 30.61 4.47
N ASN D 53 13.25 29.75 5.47
CA ASN D 53 14.41 29.03 6.02
C ASN D 53 13.87 27.80 6.74
N PHE D 54 13.41 26.83 5.94
CA PHE D 54 12.65 25.71 6.49
C PHE D 54 13.51 24.78 7.31
N THR D 55 12.91 24.26 8.39
CA THR D 55 13.49 23.16 9.14
C THR D 55 12.95 21.86 8.56
N GLU D 56 13.61 20.75 8.88
CA GLU D 56 13.15 19.46 8.42
C GLU D 56 11.71 19.16 8.87
N ASN D 57 11.31 19.74 9.99
CA ASN D 57 9.96 19.49 10.53
C ASN D 57 8.82 20.30 9.89
N ASP D 58 9.14 21.27 9.04
CA ASP D 58 8.17 22.16 8.42
C ASP D 58 7.59 21.57 7.13
N LEU D 59 8.22 20.50 6.65
CA LEU D 59 8.02 20.01 5.27
C LEU D 59 7.62 18.54 5.21
N LEU D 60 6.95 18.18 4.12
CA LEU D 60 6.72 16.78 3.77
C LEU D 60 7.04 16.59 2.31
N VAL D 61 7.25 15.34 1.90
CA VAL D 61 7.38 15.09 0.49
C VAL D 61 6.44 14.00 0.09
N ARG D 62 5.95 14.09 -1.14
CA ARG D 62 5.11 13.03 -1.73
C ARG D 62 5.85 12.37 -2.86
N ILE D 63 5.73 11.04 -2.94
CA ILE D 63 6.47 10.24 -3.92
C ILE D 63 5.51 9.19 -4.47
N GLY D 64 5.70 8.81 -5.72
CA GLY D 64 4.90 7.74 -6.33
C GLY D 64 3.67 8.22 -7.05
N LYS D 65 2.69 7.34 -7.16
CA LYS D 65 1.51 7.63 -8.01
C LYS D 65 0.53 8.56 -7.33
N HIS D 66 0.41 9.77 -7.88
CA HIS D 66 -0.66 10.67 -7.46
C HIS D 66 -1.94 10.08 -8.06
N SER D 67 -2.95 9.84 -7.23
CA SER D 67 -4.18 9.19 -7.72
C SER D 67 -4.76 9.90 -8.94
N ARG D 68 -5.25 9.11 -9.89
CA ARG D 68 -5.97 9.62 -11.05
C ARG D 68 -7.48 9.76 -10.80
N THR D 69 -8.00 8.98 -9.86
CA THR D 69 -9.39 9.20 -9.36
C THR D 69 -9.41 9.06 -7.84
N ARG D 70 -10.49 9.52 -7.21
CA ARG D 70 -10.63 9.41 -5.76
C ARG D 70 -11.07 8.01 -5.31
N TYR D 71 -11.24 7.09 -6.25
CA TYR D 71 -11.86 5.81 -5.97
C TYR D 71 -10.89 4.63 -5.96
N GLU D 72 -9.71 4.83 -6.55
CA GLU D 72 -8.68 3.78 -6.48
C GLU D 72 -7.97 3.87 -5.12
N ARG D 73 -7.26 2.80 -4.77
CA ARG D 73 -6.38 2.83 -3.59
C ARG D 73 -5.41 4.00 -3.77
N ASN D 74 -5.27 4.82 -2.73
CA ASN D 74 -4.34 5.96 -2.79
C ASN D 74 -2.98 5.38 -2.39
N ILE D 75 -2.09 5.20 -3.38
CA ILE D 75 -0.82 4.55 -3.09
C ILE D 75 0.33 5.56 -3.07
N GLU D 76 -0.02 6.85 -3.12
CA GLU D 76 0.99 7.91 -2.97
C GLU D 76 1.65 7.83 -1.61
N LYS D 77 2.97 7.95 -1.59
CA LYS D 77 3.73 7.84 -0.37
C LYS D 77 3.98 9.24 0.17
N ILE D 78 3.72 9.45 1.46
CA ILE D 78 4.05 10.70 2.13
C ILE D 78 5.21 10.43 3.09
N SER D 79 6.31 11.16 2.91
CA SER D 79 7.52 10.93 3.71
C SER D 79 7.94 12.18 4.46
N MET D 80 8.38 12.00 5.71
CA MET D 80 8.96 13.08 6.49
C MET D 80 10.46 13.19 6.22
N LEU D 81 11.03 14.32 6.60
CA LEU D 81 12.46 14.59 6.38
C LEU D 81 13.28 14.44 7.67
N GLU D 82 14.50 13.94 7.52
CA GLU D 82 15.47 13.89 8.62
C GLU D 82 16.33 15.15 8.67
N LYS D 83 16.76 15.63 7.49
CA LYS D 83 17.68 16.77 7.43
C LYS D 83 17.72 17.39 6.05
N ILE D 84 17.94 18.70 6.03
CA ILE D 84 18.09 19.48 4.80
C ILE D 84 19.54 19.92 4.66
N TYR D 85 20.11 19.72 3.47
CA TYR D 85 21.46 20.17 3.19
C TYR D 85 21.44 21.14 2.03
N ILE D 86 21.85 22.39 2.28
CA ILE D 86 21.94 23.39 1.21
C ILE D 86 23.38 23.50 0.73
N HIS D 87 23.61 23.66 -0.57
CA HIS D 87 24.99 23.83 -1.05
C HIS D 87 25.63 24.99 -0.31
N PRO D 88 26.88 24.82 0.21
CA PRO D 88 27.47 25.86 1.05
C PRO D 88 27.79 27.16 0.31
N ARG D 89 27.87 27.10 -1.02
CA ARG D 89 28.16 28.26 -1.85
C ARG D 89 26.94 28.71 -2.67
N TYR D 90 25.76 28.30 -2.23
CA TYR D 90 24.53 28.78 -2.83
C TYR D 90 24.45 30.29 -2.72
N ASN D 91 24.24 30.97 -3.85
CA ASN D 91 24.34 32.43 -3.90
C ASN D 91 22.96 33.10 -4.06
N TRP D 92 22.22 33.20 -2.96
CA TRP D 92 20.90 33.82 -3.01
C TRP D 92 20.97 35.34 -3.08
N ARG D 93 22.11 35.91 -2.71
CA ARG D 93 22.29 37.36 -2.70
C ARG D 93 22.41 37.98 -4.09
N GLU D 94 22.93 37.22 -5.05
CA GLU D 94 23.07 37.71 -6.42
C GLU D 94 22.12 36.99 -7.40
N ASN D 95 22.48 35.77 -7.78
CA ASN D 95 21.86 35.14 -8.96
C ASN D 95 21.36 33.71 -8.80
N LEU D 96 21.26 33.23 -7.57
CA LEU D 96 20.93 31.82 -7.32
C LEU D 96 21.97 30.82 -7.83
N ASP D 97 23.23 31.25 -7.94
CA ASP D 97 24.30 30.32 -8.33
C ASP D 97 24.30 29.14 -7.36
N ARG D 98 24.52 27.93 -7.89
CA ARG D 98 24.53 26.69 -7.09
C ARG D 98 23.20 26.45 -6.37
N ASP D 99 22.11 26.57 -7.14
CA ASP D 99 20.76 26.46 -6.60
C ASP D 99 20.42 24.99 -6.46
N ILE D 100 20.92 24.39 -5.39
CA ILE D 100 20.80 22.93 -5.21
C ILE D 100 20.76 22.60 -3.72
N ALA D 101 19.93 21.61 -3.39
CA ALA D 101 19.76 21.16 -2.01
C ALA D 101 19.45 19.67 -2.00
N LEU D 102 19.83 19.00 -0.92
CA LEU D 102 19.48 17.62 -0.70
C LEU D 102 18.62 17.51 0.53
N MET D 103 17.64 16.61 0.49
CA MET D 103 16.81 16.32 1.64
C MET D 103 16.92 14.82 1.91
N LYS D 104 17.27 14.49 3.16
CA LYS D 104 17.36 13.10 3.54
C LYS D 104 16.04 12.69 4.17
N LEU D 105 15.46 11.62 3.66
CA LEU D 105 14.20 11.09 4.20
C LEU D 105 14.39 10.50 5.58
N LYS D 106 13.35 10.61 6.41
CA LYS D 106 13.33 9.99 7.72
C LYS D 106 13.51 8.48 7.68
N LYS D 107 12.85 7.84 6.72
CA LYS D 107 12.95 6.40 6.52
C LYS D 107 13.17 6.13 5.04
N PRO D 108 13.88 5.03 4.69
CA PRO D 108 13.99 4.66 3.29
C PRO D 108 12.61 4.39 2.67
N VAL D 109 12.43 4.81 1.42
CA VAL D 109 11.21 4.47 0.68
C VAL D 109 11.44 3.18 -0.09
N ALA D 110 10.43 2.30 -0.09
CA ALA D 110 10.44 1.09 -0.88
C ALA D 110 10.20 1.45 -2.34
N PHE D 111 11.04 0.92 -3.23
CA PHE D 111 10.81 1.11 -4.65
C PHE D 111 9.61 0.26 -5.11
N SER D 112 8.94 0.71 -6.18
CA SER D 112 7.78 0.02 -6.73
C SER D 112 7.66 0.32 -8.21
N ASP D 113 6.54 -0.08 -8.83
CA ASP D 113 6.28 0.31 -10.22
C ASP D 113 6.20 1.83 -10.38
N TYR D 114 5.90 2.54 -9.28
CA TYR D 114 5.68 3.99 -9.31
C TYR D 114 6.74 4.85 -8.64
N ILE D 115 7.70 4.19 -7.98
CA ILE D 115 8.73 4.88 -7.18
C ILE D 115 10.06 4.25 -7.58
N HIS D 116 10.92 5.02 -8.25
CA HIS D 116 12.18 4.48 -8.74
C HIS D 116 13.11 5.65 -8.96
N PRO D 117 14.40 5.52 -8.58
CA PRO D 117 15.32 6.65 -8.69
C PRO D 117 15.82 6.91 -10.12
N VAL D 118 16.11 8.18 -10.40
CA VAL D 118 16.67 8.61 -11.66
C VAL D 118 18.20 8.51 -11.53
N CYS D 119 18.92 8.38 -12.64
CA CYS D 119 20.40 8.35 -12.56
C CYS D 119 20.94 9.76 -12.52
N LEU D 120 22.11 9.92 -11.92
CA LEU D 120 22.85 11.18 -12.00
C LEU D 120 23.99 11.01 -12.99
N PRO D 121 24.26 12.05 -13.78
CA PRO D 121 25.27 11.92 -14.81
C PRO D 121 26.67 11.91 -14.23
N ASP D 122 27.56 11.19 -14.90
CA ASP D 122 28.99 11.40 -14.68
C ASP D 122 29.54 12.31 -15.77
N ARG D 123 30.85 12.50 -15.77
CA ARG D 123 31.48 13.44 -16.68
C ARG D 123 31.19 13.12 -18.14
N GLU D 124 31.30 11.85 -18.47
CA GLU D 124 31.11 11.40 -19.84
C GLU D 124 29.67 11.62 -20.27
N THR D 125 28.73 11.33 -19.37
CA THR D 125 27.31 11.50 -19.65
C THR D 125 26.96 12.98 -19.86
N ALA D 126 27.47 13.84 -18.99
CA ALA D 126 27.26 15.29 -19.15
C ALA D 126 27.81 15.80 -20.48
N ALA D 127 29.02 15.37 -20.85
CA ALA D 127 29.61 15.77 -22.12
C ALA D 127 28.73 15.31 -23.29
N SER D 128 28.21 14.08 -23.19
CA SER D 128 27.45 13.47 -24.30
C SER D 128 26.08 14.12 -24.48
N LEU D 129 25.51 14.43 -23.34
CA LEU D 129 24.09 14.81 -23.41
C LEU D 129 23.78 16.29 -23.29
N LEU D 130 24.50 16.97 -22.49
CA LEU D 130 24.10 18.35 -22.24
C LEU D 130 24.68 19.24 -23.35
N GLN D 131 24.03 19.19 -24.52
CA GLN D 131 24.46 19.97 -25.69
C GLN D 131 23.27 20.72 -26.28
N ALA D 132 23.51 21.94 -26.76
CA ALA D 132 22.45 22.75 -27.34
C ALA D 132 21.83 21.97 -28.49
N GLY D 133 20.50 22.06 -28.60
CA GLY D 133 19.79 21.40 -29.69
C GLY D 133 19.21 20.07 -29.30
N TYR D 134 19.76 19.42 -28.28
CA TYR D 134 19.18 18.19 -27.78
C TYR D 134 18.04 18.55 -26.83
N LYS D 135 17.04 17.68 -26.71
CA LYS D 135 15.90 17.97 -25.83
C LYS D 135 15.95 17.16 -24.54
N GLY D 136 15.46 17.81 -23.48
CA GLY D 136 15.24 17.15 -22.19
C GLY D 136 13.79 17.29 -21.81
N ARG D 137 13.43 16.69 -20.69
CA ARG D 137 12.03 16.63 -20.27
C ARG D 137 11.91 17.26 -18.90
N VAL D 138 10.90 18.10 -18.73
CA VAL D 138 10.59 18.72 -17.44
C VAL D 138 9.20 18.31 -17.02
N THR D 139 9.05 18.08 -15.72
CA THR D 139 7.78 17.62 -15.18
C THR D 139 7.39 18.48 -13.99
N GLY D 140 6.09 18.75 -13.86
CA GLY D 140 5.58 19.56 -12.75
C GLY D 140 4.07 19.68 -12.83
N TRP D 141 3.52 20.63 -12.09
CA TRP D 141 2.07 20.71 -11.93
C TRP D 141 1.47 21.98 -12.57
N GLY D 142 0.16 22.18 -12.46
CA GLY D 142 -0.50 23.35 -13.04
C GLY D 142 -0.34 24.65 -12.24
N ASN D 143 -1.22 25.61 -12.49
CA ASN D 143 -1.32 26.87 -11.70
C ASN D 143 -2.57 27.67 -12.06
N LYS D 154 -15.34 15.87 -3.73
CA LYS D 154 -14.12 16.37 -4.36
C LYS D 154 -13.97 15.83 -5.79
N GLY D 155 -13.55 16.72 -6.70
CA GLY D 155 -13.49 16.43 -8.13
C GLY D 155 -12.26 15.62 -8.54
N GLN D 156 -12.05 15.50 -9.84
CA GLN D 156 -10.95 14.66 -10.33
C GLN D 156 -9.61 15.26 -9.93
N PRO D 157 -8.67 14.39 -9.52
CA PRO D 157 -7.34 14.89 -9.18
C PRO D 157 -6.65 15.51 -10.37
N SER D 158 -5.74 16.43 -10.06
CA SER D 158 -4.80 16.94 -11.03
C SER D 158 -3.84 15.84 -11.47
N VAL D 159 -3.29 16.00 -12.66
CA VAL D 159 -2.32 15.04 -13.21
C VAL D 159 -0.99 15.73 -13.49
N LEU D 160 0.11 15.05 -13.13
CA LEU D 160 1.45 15.51 -13.44
C LEU D 160 1.57 15.91 -14.92
N GLN D 161 2.18 17.07 -15.16
CA GLN D 161 2.34 17.55 -16.55
C GLN D 161 3.78 17.34 -17.01
N VAL D 162 3.95 17.16 -18.31
CA VAL D 162 5.26 16.89 -18.90
C VAL D 162 5.43 17.78 -20.13
N VAL D 163 6.64 18.30 -20.29
CA VAL D 163 6.98 19.02 -21.52
C VAL D 163 8.40 18.63 -21.92
N ASN D 164 8.63 18.52 -23.22
CA ASN D 164 9.98 18.28 -23.74
C ASN D 164 10.52 19.56 -24.37
N LEU D 165 11.74 19.95 -24.00
CA LEU D 165 12.28 21.27 -24.34
C LEU D 165 13.72 21.18 -24.82
N PRO D 166 14.09 21.97 -25.83
CA PRO D 166 15.47 21.93 -26.27
C PRO D 166 16.42 22.78 -25.45
N ILE D 167 17.63 22.27 -25.28
CA ILE D 167 18.70 23.02 -24.64
C ILE D 167 19.11 24.16 -25.58
N VAL D 168 19.30 25.34 -25.00
CA VAL D 168 19.60 26.56 -25.75
C VAL D 168 21.12 26.85 -25.77
N GLU D 169 21.62 27.39 -26.89
CA GLU D 169 23.02 27.77 -26.99
C GLU D 169 23.35 28.73 -25.87
N ARG D 170 24.49 28.52 -25.22
CA ARG D 170 24.85 29.37 -24.08
C ARG D 170 24.91 30.86 -24.40
N PRO D 171 25.47 31.29 -25.56
CA PRO D 171 25.43 32.74 -25.83
C PRO D 171 24.01 33.30 -25.96
N VAL D 172 23.10 32.52 -26.54
CA VAL D 172 21.66 32.90 -26.61
C VAL D 172 21.00 32.99 -25.21
N CYS D 173 21.31 32.00 -24.36
CA CYS D 173 20.87 32.04 -22.96
C CYS D 173 21.31 33.34 -22.30
N LYS D 174 22.60 33.68 -22.42
CA LYS D 174 23.13 34.85 -21.73
C LYS D 174 22.51 36.14 -22.27
N ASP D 175 22.23 36.17 -23.57
CA ASP D 175 21.62 37.36 -24.18
C ASP D 175 20.12 37.51 -23.87
N SER D 176 19.54 36.50 -23.22
CA SER D 176 18.08 36.44 -23.00
CA SER D 176 18.09 36.48 -23.01
C SER D 176 17.69 36.87 -21.59
N THR D 177 18.67 37.25 -20.79
CA THR D 177 18.39 37.60 -19.41
C THR D 177 19.42 38.63 -18.94
N ARG D 178 19.07 39.46 -17.95
CA ARG D 178 20.07 40.35 -17.38
C ARG D 178 20.89 39.64 -16.30
N ILE D 179 20.46 38.43 -15.92
CA ILE D 179 21.11 37.68 -14.84
C ILE D 179 22.47 37.17 -15.35
N ARG D 180 23.49 37.20 -14.49
CA ARG D 180 24.79 36.63 -14.82
C ARG D 180 24.71 35.10 -14.78
N ILE D 181 24.93 34.47 -15.94
CA ILE D 181 24.78 33.03 -16.09
C ILE D 181 26.14 32.38 -15.87
N THR D 182 26.19 31.43 -14.93
CA THR D 182 27.45 30.82 -14.55
C THR D 182 27.59 29.45 -15.18
N ASP D 183 28.77 28.84 -14.99
CA ASP D 183 29.03 27.46 -15.37
C ASP D 183 28.09 26.44 -14.69
N ASN D 184 27.43 26.87 -13.60
CA ASN D 184 26.56 25.98 -12.84
C ASN D 184 25.11 26.06 -13.26
N MET D 185 24.88 26.71 -14.41
CA MET D 185 23.52 26.90 -14.96
C MET D 185 23.50 26.54 -16.44
N PHE D 186 22.34 26.13 -16.96
CA PHE D 186 22.09 26.09 -18.38
C PHE D 186 20.66 26.55 -18.64
N CYS D 187 20.31 26.77 -19.89
CA CYS D 187 18.92 27.17 -20.17
C CYS D 187 18.30 26.30 -21.24
N ALA D 188 16.98 26.29 -21.24
CA ALA D 188 16.26 25.46 -22.19
C ALA D 188 14.93 26.09 -22.51
N GLY D 189 14.39 25.68 -23.65
CA GLY D 189 13.09 26.21 -24.07
C GLY D 189 13.07 26.47 -25.55
N TYR D 190 11.85 26.51 -26.09
CA TYR D 190 11.67 26.86 -27.51
C TYR D 190 11.91 28.35 -27.76
N LYS D 191 12.47 28.64 -28.93
CA LYS D 191 12.64 30.01 -29.38
C LYS D 191 11.26 30.65 -29.51
N PRO D 192 11.04 31.81 -28.86
CA PRO D 192 9.74 32.47 -28.85
C PRO D 192 9.15 32.73 -30.25
N ASP D 193 9.97 33.24 -31.16
CA ASP D 193 9.52 33.69 -32.49
C ASP D 193 9.12 32.56 -33.44
N GLU D 194 9.66 31.37 -33.21
CA GLU D 194 9.34 30.16 -33.98
C GLU D 194 7.94 29.64 -33.55
N GLY D 195 7.53 30.01 -32.34
CA GLY D 195 6.16 29.78 -31.87
C GLY D 195 5.76 28.34 -31.53
N LYS D 196 6.73 27.45 -31.36
CA LYS D 196 6.48 26.09 -30.87
C LYS D 196 6.02 26.16 -29.40
N ARG D 197 5.10 25.28 -29.01
CA ARG D 197 4.40 25.40 -27.72
C ARG D 197 4.98 24.47 -26.63
N GLY D 198 4.79 24.87 -25.37
CA GLY D 198 5.30 24.10 -24.22
C GLY D 198 6.39 24.87 -23.50
N ALA D 199 6.30 24.94 -22.17
CA ALA D 199 7.29 25.69 -21.36
C ALA D 199 7.27 25.24 -19.92
N ALA D 200 8.42 25.38 -19.28
CA ALA D 200 8.54 25.20 -17.84
C ALA D 200 8.48 26.57 -17.21
N CYS D 201 7.99 26.63 -15.98
CA CYS D 201 7.67 27.89 -15.36
C CYS D 201 8.32 27.99 -14.01
N GLU D 202 8.30 29.19 -13.45
CA GLU D 202 8.82 29.40 -12.11
C GLU D 202 8.22 28.43 -11.08
N GLY D 203 6.93 28.14 -11.24
CA GLY D 203 6.26 27.16 -10.39
C GLY D 203 6.85 25.77 -10.38
N ASP D 204 7.56 25.40 -11.45
CA ASP D 204 8.15 24.08 -11.56
C ASP D 204 9.51 24.01 -10.87
N SER D 205 9.94 25.13 -10.26
CA SER D 205 11.19 25.17 -9.49
C SER D 205 11.44 23.91 -8.67
N GLY D 206 12.68 23.42 -8.71
CA GLY D 206 13.07 22.27 -7.90
C GLY D 206 12.91 20.93 -8.60
N GLY D 207 12.02 20.87 -9.61
CA GLY D 207 11.75 19.64 -10.35
C GLY D 207 12.85 19.31 -11.35
N PRO D 208 12.84 18.09 -11.87
CA PRO D 208 13.96 17.62 -12.66
C PRO D 208 13.84 17.90 -14.16
N PHE D 209 14.99 18.20 -14.79
CA PHE D 209 15.17 18.21 -16.23
C PHE D 209 15.96 16.93 -16.51
N VAL D 210 15.32 15.99 -17.19
CA VAL D 210 15.90 14.65 -17.43
C VAL D 210 16.10 14.41 -18.92
N MET D 211 17.07 13.55 -19.23
CA MET D 211 17.38 13.22 -20.61
C MET D 211 17.57 11.71 -20.67
N LYS D 212 17.09 11.12 -21.75
CA LYS D 212 17.35 9.68 -21.97
C LYS D 212 18.60 9.51 -22.82
N SER D 213 19.55 8.70 -22.34
CA SER D 213 20.75 8.42 -23.10
C SER D 213 20.44 7.47 -24.27
N PRO D 214 20.86 7.84 -25.48
CA PRO D 214 20.67 6.95 -26.61
C PRO D 214 21.68 5.79 -26.57
N PHE D 215 22.65 5.87 -25.66
CA PHE D 215 23.72 4.86 -25.58
C PHE D 215 23.37 3.72 -24.64
N ASN D 216 22.58 3.99 -23.60
CA ASN D 216 22.19 2.91 -22.68
C ASN D 216 20.71 2.86 -22.29
N ASN D 217 19.89 3.72 -22.92
CA ASN D 217 18.43 3.68 -22.73
C ASN D 217 17.98 4.11 -21.31
N ARG D 218 18.89 4.73 -20.56
CA ARG D 218 18.59 5.15 -19.18
C ARG D 218 18.33 6.64 -19.08
N TRP D 219 17.50 7.02 -18.10
CA TRP D 219 17.22 8.42 -17.78
C TRP D 219 18.19 9.02 -16.78
N TYR D 220 18.71 10.19 -17.13
CA TYR D 220 19.62 10.95 -16.30
C TYR D 220 19.06 12.30 -15.95
N GLN D 221 19.20 12.69 -14.69
CA GLN D 221 18.80 14.06 -14.33
C GLN D 221 19.95 15.05 -14.56
N MET D 222 19.80 15.87 -15.60
CA MET D 222 20.83 16.82 -15.98
C MET D 222 20.65 18.16 -15.30
N GLY D 223 19.39 18.50 -15.00
CA GLY D 223 19.12 19.83 -14.46
C GLY D 223 18.07 19.82 -13.36
N ILE D 224 18.05 20.91 -12.62
CA ILE D 224 16.97 21.22 -11.66
C ILE D 224 16.38 22.56 -12.09
N VAL D 225 15.06 22.70 -12.17
CA VAL D 225 14.48 24.02 -12.51
C VAL D 225 14.87 25.05 -11.43
N SER D 226 15.57 26.11 -11.85
CA SER D 226 16.06 27.11 -10.92
C SER D 226 15.24 28.40 -11.00
N TRP D 227 14.97 28.88 -12.21
CA TRP D 227 13.92 29.92 -12.36
C TRP D 227 13.37 29.90 -13.78
N GLY D 228 12.17 30.45 -13.95
CA GLY D 228 11.59 30.53 -15.27
C GLY D 228 11.26 31.98 -15.62
N GLU D 229 11.67 32.41 -16.79
CA GLU D 229 11.43 33.78 -17.20
C GLU D 229 10.24 33.95 -18.14
N GLY D 230 9.71 32.84 -18.63
CA GLY D 230 8.58 32.81 -19.51
C GLY D 230 7.26 32.50 -18.85
N CYS D 231 6.38 31.80 -19.54
CA CYS D 231 5.04 31.47 -19.01
C CYS D 231 4.24 32.69 -18.62
N ASP D 232 4.23 32.97 -17.32
CA ASP D 232 3.50 34.08 -16.69
C ASP D 232 4.30 35.39 -16.70
N ARG D 233 5.38 35.42 -17.47
CA ARG D 233 6.21 36.63 -17.63
C ARG D 233 6.64 36.76 -19.10
N ASP D 234 7.26 37.88 -19.42
CA ASP D 234 7.50 38.25 -20.81
C ASP D 234 8.86 37.77 -21.32
N GLY D 235 9.54 36.96 -20.51
CA GLY D 235 10.86 36.42 -20.85
C GLY D 235 10.81 35.22 -21.79
N LYS D 236 11.99 34.69 -22.09
CA LYS D 236 12.10 33.65 -23.11
C LYS D 236 12.27 32.23 -22.54
N TYR D 237 13.23 32.04 -21.62
CA TYR D 237 13.67 30.68 -21.31
C TYR D 237 13.57 30.34 -19.85
N GLY D 238 13.63 29.05 -19.58
CA GLY D 238 13.80 28.54 -18.22
C GLY D 238 15.27 28.27 -17.96
N PHE D 239 15.67 28.43 -16.71
CA PHE D 239 17.08 28.32 -16.33
C PHE D 239 17.26 27.23 -15.28
N TYR D 240 18.34 26.46 -15.41
CA TYR D 240 18.46 25.17 -14.72
C TYR D 240 19.79 25.08 -14.02
N THR D 241 19.76 24.49 -12.83
CA THR D 241 21.00 24.15 -12.12
C THR D 241 21.63 22.98 -12.85
N HIS D 242 22.95 23.06 -13.08
CA HIS D 242 23.68 22.09 -13.87
C HIS D 242 24.11 21.02 -12.89
N VAL D 243 23.39 19.89 -12.88
CA VAL D 243 23.56 18.88 -11.83
C VAL D 243 24.98 18.33 -11.84
N PHE D 244 25.50 17.98 -13.02
CA PHE D 244 26.83 17.40 -13.05
C PHE D 244 27.90 18.34 -12.44
N ARG D 245 27.80 19.64 -12.74
CA ARG D 245 28.77 20.62 -12.23
C ARG D 245 28.84 20.65 -10.71
N LEU D 246 27.79 20.16 -10.06
CA LEU D 246 27.68 20.21 -8.59
C LEU D 246 27.69 18.82 -7.98
N LYS D 247 28.06 17.83 -8.79
CA LYS D 247 28.05 16.45 -8.32
C LYS D 247 29.05 16.17 -7.18
N LYS D 248 30.19 16.86 -7.15
CA LYS D 248 31.16 16.65 -6.06
C LYS D 248 30.50 16.90 -4.71
N TRP D 249 29.73 17.98 -4.62
CA TRP D 249 29.03 18.29 -3.37
C TRP D 249 27.95 17.25 -3.05
N ILE D 250 27.18 16.87 -4.08
CA ILE D 250 26.12 15.86 -3.90
C ILE D 250 26.71 14.57 -3.32
N GLN D 251 27.80 14.11 -3.94
CA GLN D 251 28.43 12.86 -3.51
C GLN D 251 29.05 12.99 -2.12
N LYS D 252 29.58 14.17 -1.80
CA LYS D 252 30.15 14.40 -0.46
C LYS D 252 29.07 14.24 0.61
N VAL D 253 27.91 14.85 0.37
CA VAL D 253 26.82 14.83 1.35
C VAL D 253 26.29 13.41 1.55
N ILE D 254 26.08 12.70 0.45
CA ILE D 254 25.56 11.34 0.50
C ILE D 254 26.58 10.42 1.21
N ASP D 255 27.85 10.62 0.90
CA ASP D 255 28.91 9.80 1.53
C ASP D 255 29.07 10.02 3.04
N GLN D 256 28.95 11.27 3.49
CA GLN D 256 29.17 11.60 4.91
C GLN D 256 27.93 11.36 5.77
N PHE D 257 26.76 11.61 5.19
CA PHE D 257 25.51 11.63 5.96
C PHE D 257 24.54 10.50 5.59
C1 NAG E . -21.82 3.64 15.95
C2 NAG E . -23.17 4.36 15.75
C3 NAG E . -23.11 5.42 14.63
C4 NAG E . -21.82 6.23 14.66
C5 NAG E . -20.65 5.25 14.68
C6 NAG E . -19.30 5.91 14.48
C7 NAG E . -24.34 2.55 14.49
C8 NAG E . -25.58 1.68 14.45
N2 NAG E . -24.26 3.42 15.52
O3 NAG E . -24.26 6.24 14.67
O4 NAG E . -21.77 7.06 13.53
O5 NAG E . -20.69 4.50 15.89
O6 NAG E . -18.33 4.91 14.73
O7 NAG E . -23.50 2.43 13.60
C1 NAG E . -17.32 4.81 13.73
C2 NAG E . -16.23 3.92 14.39
C3 NAG E . -15.60 2.80 13.57
C4 NAG E . -16.32 2.47 12.27
C5 NAG E . -16.92 3.73 11.64
C6 NAG E . -17.60 3.44 10.30
C7 NAG E . -14.38 5.69 14.55
C8 NAG E . -14.39 6.10 13.09
N2 NAG E . -15.20 4.74 15.04
O3 NAG E . -15.55 1.63 14.35
O4 NAG E . -15.36 1.93 11.39
O5 NAG E . -17.84 4.29 12.52
O6 NAG E . -18.64 2.51 10.47
O7 NAG E . -13.58 6.26 15.29
C1 NAG F . 18.51 29.50 8.85
C2 NAG F . 19.29 30.72 9.38
C3 NAG F . 20.58 30.33 10.14
C4 NAG F . 20.37 29.15 11.08
C5 NAG F . 19.60 28.04 10.36
C6 NAG F . 19.33 26.84 11.26
C7 NAG F . 20.45 31.43 7.27
C8 NAG F . 20.60 32.57 6.32
N2 NAG F . 19.61 31.66 8.32
O3 NAG F . 21.04 31.46 10.86
O4 NAG F . 21.63 28.67 11.46
O5 NAG F . 18.36 28.52 9.85
O6 NAG F . 18.37 26.07 10.58
O7 NAG F . 21.07 30.39 7.06
C1 NAG F . 18.83 24.74 10.36
C2 NAG F . 17.63 24.11 9.62
C3 NAG F . 17.96 23.06 8.57
C4 NAG F . 19.38 23.12 7.99
C5 NAG F . 20.41 23.51 9.05
C6 NAG F . 21.84 23.60 8.50
C7 NAG F . 16.79 22.76 11.62
C8 NAG F . 18.10 22.04 11.89
N2 NAG F . 16.64 23.65 10.60
O3 NAG F . 17.00 23.11 7.54
O4 NAG F . 19.69 21.80 7.67
O5 NAG F . 20.05 24.72 9.66
O6 NAG F . 22.01 24.82 7.82
O7 NAG F . 15.87 22.48 12.38
CL CL G . 2.19 8.27 -11.85
C1 GOL H . 31.64 21.80 -2.47
O1 GOL H . 32.20 21.21 -3.62
C2 GOL H . 31.43 20.81 -1.33
O2 GOL H . 31.99 19.55 -1.65
C3 GOL H . 32.03 21.37 -0.05
O3 GOL H . 31.23 21.01 1.07
#